data_3V70
#
_entry.id   3V70
#
_cell.length_a   81.348
_cell.length_b   81.348
_cell.length_c   178.934
_cell.angle_alpha   90.000
_cell.angle_beta   90.000
_cell.angle_gamma   120.000
#
_symmetry.space_group_name_H-M   'H 3'
#
loop_
_entity.id
_entity.type
_entity.pdbx_description
1 polymer 'GTPase IMAP family member 1'
2 non-polymer "GUANOSINE-5'-DIPHOSPHATE"
3 non-polymer 'MAGNESIUM ION'
4 water water
#
_entity_poly.entity_id   1
_entity_poly.type   'polypeptide(L)'
_entity_poly.pdbx_seq_one_letter_code
;MHHHHHHSSGRENLYFQGESTRRLILVGRTGAGKSATGNSILGQRRFFSRLGATSVTRACTTGSRRWDKCHVEVVDTPDI
FSSQVSKTDPGCEERGHCYLLSAPGPHALLLVTQLGRFTAQDQQAVRQVRDMFGEDVLKWMVIVFTRKEDLAGGSLHDYV
SNTENRALRELVAECGGRVCAFDNRATGREQEAQVVQLLGMVEGLVLEHKGAHYSNEVYELAQVLRWAGPEERLRRVAER
VAARVQR
;
_entity_poly.pdbx_strand_id   A,B
#
loop_
_chem_comp.id
_chem_comp.type
_chem_comp.name
_chem_comp.formula
GDP RNA linking GUANOSINE-5'-DIPHOSPHATE 'C10 H15 N5 O11 P2'
MG non-polymer 'MAGNESIUM ION' 'Mg 2'
#
# COMPACT_ATOMS: atom_id res chain seq x y z
N SER A 20 14.32 -10.08 18.15
CA SER A 20 13.23 -9.25 18.72
C SER A 20 12.69 -8.26 17.69
N THR A 21 13.56 -7.59 16.92
CA THR A 21 13.10 -6.76 15.76
C THR A 21 14.06 -6.83 14.59
N ARG A 22 13.49 -6.94 13.38
CA ARG A 22 14.24 -6.89 12.14
C ARG A 22 13.63 -5.85 11.20
N ARG A 23 14.42 -4.85 10.83
CA ARG A 23 13.98 -3.78 9.95
C ARG A 23 14.60 -3.94 8.60
N LEU A 24 13.74 -4.06 7.58
CA LEU A 24 14.19 -4.25 6.24
C LEU A 24 13.75 -3.07 5.42
N ILE A 25 14.57 -2.69 4.44
CA ILE A 25 14.18 -1.67 3.45
C ILE A 25 14.28 -2.28 2.05
N LEU A 26 13.21 -2.16 1.27
CA LEU A 26 13.16 -2.62 -0.12
C LEU A 26 13.64 -1.51 -1.00
N VAL A 27 14.67 -1.81 -1.78
CA VAL A 27 15.28 -0.82 -2.69
C VAL A 27 15.49 -1.45 -4.08
N GLY A 28 15.69 -0.59 -5.08
CA GLY A 28 15.77 -1.03 -6.48
C GLY A 28 14.91 -0.19 -7.38
N ARG A 29 14.99 -0.46 -8.69
CA ARG A 29 14.27 0.31 -9.70
C ARG A 29 12.74 0.09 -9.66
N THR A 30 12.02 1.01 -10.31
CA THR A 30 10.59 0.84 -10.51
C THR A 30 10.37 -0.40 -11.37
N GLY A 31 9.35 -1.18 -11.00
CA GLY A 31 9.04 -2.41 -11.68
C GLY A 31 10.00 -3.58 -11.40
N ALA A 32 10.87 -3.46 -10.42
CA ALA A 32 11.70 -4.58 -10.00
C ALA A 32 10.90 -5.67 -9.26
N GLY A 33 9.80 -5.29 -8.62
CA GLY A 33 9.03 -6.22 -7.80
C GLY A 33 9.17 -5.97 -6.30
N LYS A 34 9.50 -4.73 -5.92
CA LYS A 34 9.63 -4.35 -4.50
C LYS A 34 8.36 -4.57 -3.75
N SER A 35 7.26 -4.01 -4.27
CA SER A 35 6.00 -4.05 -3.54
C SER A 35 5.49 -5.48 -3.40
N ALA A 36 5.61 -6.27 -4.45
CA ALA A 36 5.20 -7.65 -4.39
C ALA A 36 6.03 -8.46 -3.40
N THR A 37 7.33 -8.21 -3.38
CA THR A 37 8.22 -8.89 -2.45
C THR A 37 7.84 -8.59 -1.01
N GLY A 38 7.52 -7.34 -0.73
CA GLY A 38 7.09 -6.92 0.59
C GLY A 38 5.82 -7.57 1.01
N ASN A 39 4.88 -7.70 0.08
CA ASN A 39 3.65 -8.41 0.36
C ASN A 39 3.91 -9.88 0.71
N SER A 40 4.79 -10.54 -0.04
CA SER A 40 5.16 -11.91 0.24
C SER A 40 5.75 -12.07 1.65
N ILE A 41 6.66 -11.18 2.03
CA ILE A 41 7.30 -11.23 3.36
C ILE A 41 6.30 -11.03 4.49
N LEU A 42 5.38 -10.10 4.30
CA LEU A 42 4.43 -9.75 5.35
C LEU A 42 3.24 -10.69 5.38
N GLY A 43 3.02 -11.42 4.29
CA GLY A 43 1.80 -12.23 4.15
C GLY A 43 0.55 -11.38 4.09
N GLN A 44 0.62 -10.24 3.44
CA GLN A 44 -0.49 -9.30 3.36
C GLN A 44 -0.40 -8.60 2.02
N ARG A 45 -1.55 -8.18 1.49
CA ARG A 45 -1.56 -7.30 0.32
C ARG A 45 -1.47 -5.84 0.77
N ARG A 46 -0.28 -5.45 1.20
CA ARG A 46 -0.02 -4.18 1.89
C ARG A 46 0.39 -3.07 0.93
N PHE A 47 1.29 -3.40 0.01
CA PHE A 47 1.99 -2.44 -0.85
C PHE A 47 1.47 -2.44 -2.30
N THR A 57 1.81 5.37 -5.95
CA THR A 57 2.37 5.53 -4.59
C THR A 57 3.60 6.44 -4.64
N ARG A 58 3.42 7.71 -4.25
CA ARG A 58 4.48 8.71 -4.30
C ARG A 58 5.39 8.68 -3.03
N ALA A 59 4.92 8.02 -1.97
CA ALA A 59 5.64 8.04 -0.68
C ALA A 59 6.14 6.65 -0.28
N CYS A 60 7.19 6.64 0.58
CA CYS A 60 7.56 5.45 1.31
C CYS A 60 6.40 5.05 2.21
N THR A 61 6.20 3.74 2.34
CA THR A 61 5.19 3.19 3.22
C THR A 61 5.85 2.08 4.02
N THR A 62 5.16 1.61 5.03
CA THR A 62 5.70 0.61 5.92
C THR A 62 4.63 -0.43 6.25
N GLY A 63 5.06 -1.65 6.53
CA GLY A 63 4.20 -2.67 7.09
C GLY A 63 5.00 -3.52 8.06
N SER A 64 4.28 -4.34 8.84
CA SER A 64 4.94 -5.29 9.72
C SER A 64 4.14 -6.55 10.04
N ARG A 65 4.88 -7.54 10.56
CA ARG A 65 4.36 -8.88 10.86
C ARG A 65 5.07 -9.40 12.10
N ARG A 66 4.31 -10.00 13.02
CA ARG A 66 4.88 -10.57 14.25
C ARG A 66 5.06 -12.07 14.05
N TRP A 67 6.31 -12.49 14.05
CA TRP A 67 6.72 -13.84 13.70
C TRP A 67 7.48 -14.41 14.85
N ASP A 68 6.98 -15.47 15.45
CA ASP A 68 7.51 -15.98 16.70
C ASP A 68 7.36 -14.83 17.73
N LYS A 69 8.49 -14.32 18.24
CA LYS A 69 8.48 -13.13 19.12
C LYS A 69 9.27 -11.98 18.46
N CYS A 70 9.47 -12.09 17.15
CA CYS A 70 10.20 -11.08 16.36
C CYS A 70 9.24 -10.22 15.54
N HIS A 71 9.48 -8.90 15.57
CA HIS A 71 8.69 -7.95 14.80
C HIS A 71 9.46 -7.63 13.54
N VAL A 72 9.01 -8.15 12.41
CA VAL A 72 9.60 -7.85 11.13
C VAL A 72 8.94 -6.59 10.51
N GLU A 73 9.73 -5.53 10.30
CA GLU A 73 9.21 -4.29 9.71
C GLU A 73 9.79 -4.10 8.32
N VAL A 74 8.92 -3.82 7.36
CA VAL A 74 9.33 -3.63 6.01
C VAL A 74 8.99 -2.25 5.52
N VAL A 75 10.00 -1.52 5.02
CA VAL A 75 9.77 -0.24 4.35
C VAL A 75 9.83 -0.43 2.84
N ASP A 76 8.73 -0.11 2.13
CA ASP A 76 8.67 -0.15 0.66
C ASP A 76 8.92 1.26 0.12
N THR A 77 9.60 1.35 -1.04
CA THR A 77 10.08 2.63 -1.56
C THR A 77 9.44 3.05 -2.94
N PRO A 78 9.26 4.37 -3.14
CA PRO A 78 8.76 4.89 -4.38
C PRO A 78 9.91 5.14 -5.37
N ASP A 79 9.68 5.96 -6.39
CA ASP A 79 10.66 6.21 -7.45
C ASP A 79 11.84 7.11 -6.96
N ILE A 80 12.58 6.67 -5.96
CA ILE A 80 13.68 7.47 -5.37
C ILE A 80 15.06 6.93 -5.74
N PHE A 81 15.11 5.94 -6.63
CA PHE A 81 16.37 5.34 -7.07
C PHE A 81 16.57 5.44 -8.58
N SER A 82 15.99 6.46 -9.21
CA SER A 82 16.24 6.73 -10.63
C SER A 82 17.21 7.90 -10.77
N SER A 83 17.70 8.11 -11.99
CA SER A 83 18.55 9.25 -12.30
C SER A 83 17.81 10.59 -12.15
N GLN A 84 16.47 10.54 -12.13
CA GLN A 84 15.62 11.75 -11.98
C GLN A 84 15.19 11.99 -10.54
N VAL A 85 15.82 11.35 -9.56
CA VAL A 85 15.43 11.57 -8.16
C VAL A 85 15.62 13.06 -7.78
N SER A 86 16.65 13.67 -8.32
CA SER A 86 16.94 15.07 -8.12
C SER A 86 15.75 16.00 -8.51
N LYS A 87 14.94 15.59 -9.49
CA LYS A 87 13.76 16.35 -9.93
C LYS A 87 12.46 15.84 -9.25
N THR A 88 12.40 14.55 -8.98
CA THR A 88 11.24 13.93 -8.33
C THR A 88 11.13 14.29 -6.85
N ASP A 89 12.27 14.30 -6.14
CA ASP A 89 12.32 14.52 -4.69
C ASP A 89 13.34 15.62 -4.32
N PRO A 90 13.13 16.87 -4.80
N PRO A 90 13.10 16.87 -4.82
CA PRO A 90 14.21 17.89 -4.79
CA PRO A 90 13.98 17.98 -4.53
C PRO A 90 14.84 18.29 -3.43
C PRO A 90 13.76 18.35 -3.09
N GLY A 91 14.03 18.49 -2.39
N GLY A 91 14.84 18.60 -2.37
CA GLY A 91 14.54 18.80 -1.04
CA GLY A 91 14.75 18.86 -0.96
C GLY A 91 14.85 17.58 -0.17
C GLY A 91 14.90 17.57 -0.14
N CYS A 92 14.86 16.40 -0.80
CA CYS A 92 15.09 15.11 -0.15
C CYS A 92 14.10 14.74 0.98
N GLU A 93 12.88 15.30 0.92
CA GLU A 93 11.84 15.00 1.92
C GLU A 93 11.45 13.53 1.90
N GLU A 94 11.26 12.96 0.72
CA GLU A 94 10.88 11.54 0.63
C GLU A 94 12.02 10.61 0.96
N ARG A 95 13.22 10.91 0.48
CA ARG A 95 14.38 10.18 0.95
C ARG A 95 14.56 10.31 2.47
N GLY A 96 14.25 11.48 3.02
CA GLY A 96 14.25 11.70 4.46
C GLY A 96 13.22 10.83 5.16
N HIS A 97 12.06 10.67 4.55
CA HIS A 97 10.96 9.87 5.13
C HIS A 97 11.37 8.44 5.25
N CYS A 98 12.07 7.94 4.23
CA CYS A 98 12.63 6.60 4.25
C CYS A 98 13.51 6.37 5.49
N TYR A 99 14.40 7.33 5.77
CA TYR A 99 15.23 7.27 6.99
C TYR A 99 14.38 7.24 8.28
N LEU A 100 13.39 8.12 8.39
CA LEU A 100 12.60 8.20 9.63
C LEU A 100 11.85 6.87 9.87
N LEU A 101 11.29 6.29 8.81
CA LEU A 101 10.57 5.01 8.89
C LEU A 101 11.45 3.81 9.24
N SER A 102 12.74 3.89 8.94
CA SER A 102 13.69 2.78 9.17
C SER A 102 14.59 3.04 10.38
N ALA A 103 14.44 4.21 11.02
CA ALA A 103 15.33 4.60 12.13
C ALA A 103 15.17 3.61 13.25
N PRO A 104 16.26 3.34 14.02
CA PRO A 104 17.63 3.88 13.99
C PRO A 104 18.55 3.27 12.92
N GLY A 105 18.00 2.40 12.05
CA GLY A 105 18.76 1.83 10.97
C GLY A 105 18.30 0.42 10.62
N PRO A 106 18.49 0.04 9.33
CA PRO A 106 18.07 -1.25 8.83
C PRO A 106 19.01 -2.38 9.20
N HIS A 107 18.44 -3.56 9.43
CA HIS A 107 19.22 -4.78 9.57
C HIS A 107 19.61 -5.34 8.22
N ALA A 108 18.80 -5.02 7.21
CA ALA A 108 19.15 -5.32 5.84
C ALA A 108 18.47 -4.40 4.86
N LEU A 109 19.17 -4.14 3.77
CA LEU A 109 18.57 -3.58 2.57
C LEU A 109 18.36 -4.74 1.60
N LEU A 110 17.15 -4.84 1.05
CA LEU A 110 16.80 -5.86 0.08
C LEU A 110 16.82 -5.20 -1.30
N LEU A 111 17.82 -5.54 -2.11
CA LEU A 111 17.87 -5.04 -3.47
C LEU A 111 17.09 -5.99 -4.35
N VAL A 112 15.93 -5.53 -4.78
CA VAL A 112 15.02 -6.33 -5.54
C VAL A 112 15.33 -6.11 -7.01
N THR A 113 15.36 -7.20 -7.75
CA THR A 113 15.65 -7.18 -9.18
C THR A 113 14.90 -8.31 -9.86
N GLN A 114 14.61 -8.18 -11.14
CA GLN A 114 13.88 -9.22 -11.89
C GLN A 114 14.85 -10.21 -12.49
N LEU A 115 14.62 -11.50 -12.23
CA LEU A 115 15.42 -12.56 -12.86
C LEU A 115 15.38 -12.39 -14.39
N GLY A 116 16.55 -12.42 -15.02
CA GLY A 116 16.66 -12.23 -16.48
C GLY A 116 16.60 -10.79 -17.00
N ARG A 117 16.52 -9.82 -16.10
CA ARG A 117 16.37 -8.41 -16.51
C ARG A 117 17.13 -7.49 -15.58
N PHE A 118 18.41 -7.76 -15.40
CA PHE A 118 19.29 -6.81 -14.71
C PHE A 118 19.77 -5.79 -15.72
N THR A 119 19.18 -4.60 -15.67
CA THR A 119 19.37 -3.58 -16.71
C THR A 119 20.24 -2.40 -16.24
N ALA A 120 20.49 -1.46 -17.15
CA ALA A 120 21.16 -0.18 -16.81
C ALA A 120 20.40 0.55 -15.70
N GLN A 121 19.09 0.44 -15.72
CA GLN A 121 18.25 1.04 -14.68
C GLN A 121 18.48 0.43 -13.31
N ASP A 122 18.69 -0.89 -13.25
CA ASP A 122 19.04 -1.57 -11.99
C ASP A 122 20.37 -1.03 -11.49
N GLN A 123 21.32 -0.90 -12.40
CA GLN A 123 22.66 -0.37 -12.06
C GLN A 123 22.54 1.07 -11.52
N GLN A 124 21.67 1.85 -12.14
CA GLN A 124 21.41 3.23 -11.68
C GLN A 124 20.81 3.23 -10.27
N ALA A 125 19.96 2.24 -9.97
CA ALA A 125 19.32 2.16 -8.67
C ALA A 125 20.35 1.85 -7.55
N VAL A 126 21.27 0.95 -7.85
CA VAL A 126 22.36 0.60 -6.94
C VAL A 126 23.24 1.84 -6.65
N ARG A 127 23.52 2.66 -7.64
CA ARG A 127 24.33 3.86 -7.42
C ARG A 127 23.58 4.88 -6.54
N GLN A 128 22.27 4.98 -6.71
CA GLN A 128 21.47 5.90 -5.92
C GLN A 128 21.46 5.46 -4.49
N VAL A 129 21.38 4.14 -4.27
CA VAL A 129 21.41 3.58 -2.94
C VAL A 129 22.74 3.92 -2.23
N ARG A 130 23.85 3.71 -2.91
CA ARG A 130 25.16 4.07 -2.43
C ARG A 130 25.28 5.53 -2.11
N ASP A 131 24.75 6.36 -2.98
CA ASP A 131 24.76 7.80 -2.80
C ASP A 131 23.94 8.17 -1.55
N MET A 132 22.81 7.52 -1.40
CA MET A 132 21.85 7.88 -0.36
C MET A 132 22.24 7.40 1.04
N PHE A 133 22.82 6.20 1.13
CA PHE A 133 23.20 5.57 2.42
C PHE A 133 24.71 5.55 2.71
N GLY A 134 25.53 5.41 1.69
CA GLY A 134 26.98 5.24 1.87
C GLY A 134 27.46 3.93 1.28
N GLU A 135 28.76 3.84 0.96
CA GLU A 135 29.32 2.63 0.33
C GLU A 135 29.22 1.39 1.23
N ASP A 136 29.30 1.60 2.54
CA ASP A 136 29.27 0.51 3.49
C ASP A 136 27.92 -0.23 3.53
N VAL A 137 26.86 0.36 2.93
CA VAL A 137 25.56 -0.24 3.00
C VAL A 137 25.45 -1.57 2.25
N LEU A 138 26.36 -1.84 1.31
CA LEU A 138 26.37 -3.15 0.62
C LEU A 138 26.73 -4.31 1.56
N LYS A 139 27.42 -4.00 2.66
CA LYS A 139 27.66 -4.96 3.73
C LYS A 139 26.41 -5.35 4.51
N TRP A 140 25.32 -4.61 4.29
CA TRP A 140 24.04 -4.98 4.85
C TRP A 140 23.06 -5.29 3.78
N MET A 141 23.53 -5.59 2.56
CA MET A 141 22.62 -5.76 1.43
C MET A 141 22.45 -7.24 1.01
N VAL A 142 21.18 -7.64 0.83
CA VAL A 142 20.79 -8.93 0.25
C VAL A 142 20.10 -8.66 -1.10
N ILE A 143 20.48 -9.44 -2.12
CA ILE A 143 19.85 -9.34 -3.45
C ILE A 143 18.68 -10.32 -3.56
N VAL A 144 17.50 -9.80 -3.86
CA VAL A 144 16.30 -10.62 -4.01
C VAL A 144 15.94 -10.63 -5.49
N PHE A 145 15.75 -11.85 -6.05
CA PHE A 145 15.39 -12.00 -7.45
C PHE A 145 13.95 -12.37 -7.51
N THR A 146 13.16 -11.52 -8.14
CA THR A 146 11.77 -11.85 -8.39
C THR A 146 11.65 -12.71 -9.68
N ARG A 147 10.47 -13.27 -9.88
CA ARG A 147 10.19 -14.16 -11.02
C ARG A 147 11.05 -15.44 -10.95
N LYS A 148 11.10 -16.06 -9.76
CA LYS A 148 11.84 -17.33 -9.52
C LYS A 148 11.41 -18.45 -10.47
N GLU A 149 10.12 -18.48 -10.80
CA GLU A 149 9.53 -19.48 -11.71
C GLU A 149 10.21 -19.49 -13.08
N ASP A 150 10.88 -18.37 -13.42
CA ASP A 150 11.71 -18.32 -14.64
C ASP A 150 12.99 -19.12 -14.58
N LEU A 151 13.33 -19.70 -13.44
CA LEU A 151 14.41 -20.68 -13.40
C LEU A 151 13.97 -22.06 -13.94
N ALA A 152 12.67 -22.21 -14.18
CA ALA A 152 12.06 -23.48 -14.65
C ALA A 152 12.44 -24.67 -13.74
N GLY A 153 12.45 -24.44 -12.42
CA GLY A 153 12.83 -25.45 -11.44
C GLY A 153 14.33 -25.59 -11.16
N GLY A 154 15.17 -24.89 -11.93
CA GLY A 154 16.62 -24.96 -11.75
C GLY A 154 17.00 -24.12 -10.58
N SER A 155 18.16 -24.40 -9.98
CA SER A 155 18.59 -23.63 -8.79
C SER A 155 19.09 -22.21 -9.10
N LEU A 156 18.99 -21.32 -8.11
CA LEU A 156 19.54 -19.96 -8.19
C LEU A 156 21.08 -19.89 -8.17
N HIS A 157 21.73 -20.73 -7.38
CA HIS A 157 23.19 -20.74 -7.25
C HIS A 157 23.85 -21.02 -8.57
N ASP A 158 23.29 -21.95 -9.35
CA ASP A 158 23.73 -22.19 -10.73
C ASP A 158 23.54 -20.95 -11.61
N TYR A 159 22.33 -20.40 -11.61
CA TYR A 159 22.03 -19.22 -12.45
C TYR A 159 22.98 -18.03 -12.16
N VAL A 160 23.14 -17.73 -10.89
CA VAL A 160 24.05 -16.67 -10.44
C VAL A 160 25.50 -16.98 -10.85
N SER A 161 25.89 -18.25 -10.74
CA SER A 161 27.23 -18.69 -11.07
C SER A 161 27.58 -18.57 -12.57
N ASN A 162 26.58 -18.75 -13.44
CA ASN A 162 26.83 -18.83 -14.88
C ASN A 162 26.33 -17.67 -15.72
N THR A 163 25.84 -16.60 -15.09
CA THR A 163 25.37 -15.42 -15.82
C THR A 163 26.51 -14.74 -16.58
N GLU A 164 26.18 -14.22 -17.76
CA GLU A 164 27.14 -13.50 -18.59
C GLU A 164 27.11 -12.01 -18.24
N ASN A 165 26.21 -11.62 -17.34
CA ASN A 165 26.06 -10.21 -16.96
C ASN A 165 27.13 -9.77 -15.94
N ARG A 166 28.24 -9.21 -16.44
CA ARG A 166 29.39 -8.84 -15.59
C ARG A 166 29.00 -7.97 -14.42
N ALA A 167 28.16 -6.97 -14.69
CA ALA A 167 27.71 -6.03 -13.67
C ALA A 167 26.92 -6.71 -12.54
N LEU A 168 26.12 -7.71 -12.89
CA LEU A 168 25.38 -8.49 -11.89
C LEU A 168 26.36 -9.32 -11.06
N ARG A 169 27.25 -10.04 -11.76
CA ARG A 169 28.35 -10.78 -11.14
C ARG A 169 29.07 -9.92 -10.08
N GLU A 170 29.54 -8.74 -10.49
CA GLU A 170 30.21 -7.82 -9.58
C GLU A 170 29.37 -7.48 -8.37
N LEU A 171 28.09 -7.13 -8.59
CA LEU A 171 27.20 -6.74 -7.48
C LEU A 171 27.03 -7.87 -6.50
N VAL A 172 26.78 -9.09 -7.00
CA VAL A 172 26.62 -10.27 -6.14
C VAL A 172 27.85 -10.45 -5.20
N ALA A 173 29.05 -10.42 -5.79
CA ALA A 173 30.33 -10.46 -5.02
C ALA A 173 30.45 -9.30 -4.01
N GLU A 174 30.07 -8.08 -4.38
CA GLU A 174 30.06 -6.95 -3.41
C GLU A 174 29.07 -7.15 -2.24
N CYS A 175 28.02 -7.95 -2.48
CA CYS A 175 27.02 -8.28 -1.45
C CYS A 175 27.31 -9.64 -0.78
N GLY A 176 28.56 -10.10 -0.88
CA GLY A 176 29.02 -11.32 -0.21
C GLY A 176 28.35 -12.61 -0.66
N GLY A 177 27.80 -12.62 -1.88
CA GLY A 177 27.07 -13.76 -2.39
C GLY A 177 25.71 -13.99 -1.75
N ARG A 178 25.16 -12.98 -1.10
CA ARG A 178 23.84 -13.11 -0.47
C ARG A 178 22.71 -12.88 -1.47
N VAL A 179 22.16 -13.97 -1.98
CA VAL A 179 21.15 -13.93 -3.01
C VAL A 179 20.01 -14.84 -2.61
N CYS A 180 18.83 -14.49 -3.09
CA CYS A 180 17.63 -15.18 -2.72
C CYS A 180 16.59 -15.00 -3.83
N ALA A 181 15.79 -16.03 -4.08
CA ALA A 181 14.81 -16.01 -5.19
C ALA A 181 13.36 -16.07 -4.67
N PHE A 182 12.47 -15.27 -5.25
CA PHE A 182 11.05 -15.25 -4.86
C PHE A 182 10.17 -15.44 -6.10
N ASP A 183 9.12 -16.23 -5.94
CA ASP A 183 7.97 -16.22 -6.82
C ASP A 183 6.84 -15.58 -6.04
N ASN A 184 6.57 -14.32 -6.33
CA ASN A 184 5.61 -13.54 -5.56
C ASN A 184 4.16 -13.93 -5.76
N ARG A 185 3.89 -14.90 -6.63
CA ARG A 185 2.56 -15.49 -6.76
C ARG A 185 2.39 -16.70 -5.85
N ALA A 186 3.49 -17.14 -5.23
CA ALA A 186 3.45 -18.32 -4.35
C ALA A 186 2.56 -18.04 -3.14
N THR A 187 1.74 -19.02 -2.80
CA THR A 187 0.99 -19.03 -1.55
C THR A 187 1.38 -20.30 -0.78
N GLY A 188 0.76 -20.51 0.37
CA GLY A 188 0.91 -21.77 1.10
C GLY A 188 2.33 -22.04 1.57
N ARG A 189 2.74 -23.30 1.46
CA ARG A 189 4.06 -23.71 1.94
C ARG A 189 5.22 -23.21 1.09
N GLU A 190 4.99 -23.03 -0.21
CA GLU A 190 6.00 -22.47 -1.10
C GLU A 190 6.35 -21.02 -0.70
N GLN A 191 5.33 -20.28 -0.25
CA GLN A 191 5.56 -18.92 0.21
C GLN A 191 6.29 -18.90 1.54
N GLU A 192 5.90 -19.75 2.47
CA GLU A 192 6.57 -19.83 3.77
C GLU A 192 8.05 -20.16 3.60
N ALA A 193 8.36 -21.08 2.71
CA ALA A 193 9.76 -21.49 2.46
C ALA A 193 10.61 -20.36 1.87
N GLN A 194 10.09 -19.60 0.92
CA GLN A 194 10.89 -18.49 0.34
C GLN A 194 11.14 -17.40 1.44
N VAL A 195 10.11 -17.07 2.22
CA VAL A 195 10.25 -16.10 3.33
C VAL A 195 11.21 -16.61 4.39
N VAL A 196 11.10 -17.89 4.78
CA VAL A 196 11.99 -18.49 5.78
C VAL A 196 13.45 -18.38 5.31
N GLN A 197 13.69 -18.68 4.03
CA GLN A 197 15.05 -18.56 3.46
C GLN A 197 15.57 -17.14 3.54
N LEU A 198 14.75 -16.16 3.21
CA LEU A 198 15.19 -14.76 3.24
C LEU A 198 15.49 -14.34 4.67
N LEU A 199 14.60 -14.65 5.60
CA LEU A 199 14.83 -14.28 7.00
C LEU A 199 16.09 -14.96 7.57
N GLY A 200 16.34 -16.21 7.20
CA GLY A 200 17.59 -16.89 7.58
C GLY A 200 18.83 -16.11 7.15
N MET A 201 18.82 -15.61 5.93
CA MET A 201 19.94 -14.81 5.42
C MET A 201 20.12 -13.53 6.16
N VAL A 202 19.01 -12.86 6.46
CA VAL A 202 19.06 -11.63 7.24
C VAL A 202 19.64 -11.92 8.65
N GLU A 203 19.24 -13.04 9.29
CA GLU A 203 19.81 -13.40 10.59
C GLU A 203 21.30 -13.61 10.46
N GLY A 204 21.71 -14.32 9.41
CA GLY A 204 23.13 -14.57 9.13
C GLY A 204 23.91 -13.28 9.06
N LEU A 205 23.34 -12.31 8.38
CA LEU A 205 23.95 -11.02 8.20
C LEU A 205 24.04 -10.27 9.53
N VAL A 206 22.95 -10.28 10.29
CA VAL A 206 22.92 -9.66 11.61
C VAL A 206 23.96 -10.24 12.55
N LEU A 207 24.15 -11.57 12.54
CA LEU A 207 25.16 -12.20 13.38
C LEU A 207 26.59 -11.81 12.93
N GLU A 208 26.81 -11.71 11.61
CA GLU A 208 28.08 -11.22 11.03
C GLU A 208 28.43 -9.85 11.58
N HIS A 209 27.42 -8.98 11.74
CA HIS A 209 27.63 -7.65 12.32
C HIS A 209 27.45 -7.61 13.82
N LYS A 210 27.60 -8.75 14.48
CA LYS A 210 27.52 -8.87 15.92
C LYS A 210 26.23 -8.23 16.49
N GLY A 211 25.12 -8.37 15.74
CA GLY A 211 23.83 -7.77 16.16
C GLY A 211 23.59 -6.31 15.78
N ALA A 212 24.60 -5.63 15.18
CA ALA A 212 24.44 -4.21 14.82
C ALA A 212 23.59 -3.99 13.54
N HIS A 213 22.74 -2.95 13.56
CA HIS A 213 22.06 -2.47 12.34
C HIS A 213 22.93 -1.46 11.63
N TYR A 214 22.66 -1.22 10.36
CA TYR A 214 23.40 -0.19 9.63
C TYR A 214 23.06 1.20 10.21
N SER A 215 24.05 2.08 10.29
CA SER A 215 23.85 3.46 10.69
C SER A 215 24.79 4.39 9.89
N ASN A 216 24.45 5.67 9.84
CA ASN A 216 25.36 6.69 9.35
C ASN A 216 25.00 8.02 10.00
N GLU A 217 25.57 9.12 9.49
CA GLU A 217 25.36 10.42 10.10
C GLU A 217 23.89 10.91 9.99
N VAL A 218 23.13 10.40 9.03
CA VAL A 218 21.72 10.80 8.91
C VAL A 218 20.89 10.10 9.98
N TYR A 219 21.06 8.79 10.11
CA TYR A 219 20.36 8.02 11.18
C TYR A 219 20.69 8.55 12.57
N GLU A 220 21.95 8.94 12.78
CA GLU A 220 22.34 9.52 14.08
C GLU A 220 21.58 10.83 14.35
N LEU A 221 21.46 11.70 13.34
CA LEU A 221 20.69 12.92 13.52
C LEU A 221 19.22 12.60 13.85
N ALA A 222 18.64 11.59 13.20
CA ALA A 222 17.25 11.22 13.48
C ALA A 222 17.06 10.77 14.93
N GLN A 223 18.01 10.01 15.44
CA GLN A 223 18.03 9.56 16.82
C GLN A 223 18.24 10.72 17.82
N VAL A 224 19.24 11.56 17.56
CA VAL A 224 19.48 12.78 18.34
C VAL A 224 18.20 13.62 18.43
N LEU A 225 17.54 13.81 17.30
CA LEU A 225 16.34 14.62 17.23
C LEU A 225 15.07 13.83 17.54
N ARG A 226 15.17 12.71 18.25
CA ARG A 226 13.99 11.87 18.48
C ARG A 226 12.98 12.48 19.43
N TRP A 227 13.41 13.44 20.24
CA TRP A 227 12.52 14.09 21.19
C TRP A 227 11.88 15.29 20.58
N ALA A 228 12.40 15.75 19.44
CA ALA A 228 11.85 16.90 18.74
C ALA A 228 10.55 16.48 18.06
N GLY A 229 9.77 17.46 17.63
CA GLY A 229 8.52 17.18 16.90
C GLY A 229 8.81 16.60 15.52
N PRO A 230 7.83 15.89 14.94
CA PRO A 230 8.07 15.22 13.65
C PRO A 230 8.44 16.15 12.48
N GLU A 231 7.94 17.39 12.51
CA GLU A 231 8.18 18.36 11.45
C GLU A 231 9.64 18.81 11.40
N GLU A 232 10.18 19.20 12.55
CA GLU A 232 11.57 19.61 12.60
C GLU A 232 12.52 18.40 12.36
N ARG A 233 12.13 17.22 12.85
CA ARG A 233 12.92 16.04 12.64
C ARG A 233 13.05 15.76 11.13
N LEU A 234 11.91 15.81 10.43
CA LEU A 234 11.90 15.54 8.99
C LEU A 234 12.70 16.58 8.22
N ARG A 235 12.46 17.85 8.53
CA ARG A 235 13.15 18.97 7.88
C ARG A 235 14.65 18.89 8.04
N ARG A 236 15.11 18.57 9.24
CA ARG A 236 16.54 18.53 9.51
C ARG A 236 17.20 17.27 8.94
N VAL A 237 16.48 16.15 8.94
CA VAL A 237 16.95 14.90 8.32
C VAL A 237 17.02 15.04 6.78
N ALA A 238 15.95 15.55 6.15
CA ALA A 238 15.99 15.88 4.70
C ALA A 238 17.21 16.78 4.36
N GLU A 239 17.43 17.79 5.18
CA GLU A 239 18.56 18.65 5.02
C GLU A 239 19.90 17.88 5.05
N ARG A 240 20.09 16.95 5.99
CA ARG A 240 21.34 16.15 6.01
C ARG A 240 21.49 15.25 4.80
N VAL A 241 20.40 14.66 4.33
CA VAL A 241 20.43 13.84 3.13
C VAL A 241 20.88 14.71 1.94
N ALA A 242 20.27 15.90 1.81
CA ALA A 242 20.60 16.82 0.70
C ALA A 242 22.07 17.22 0.67
N ALA A 243 22.69 17.35 1.84
CA ALA A 243 24.09 17.75 1.92
C ALA A 243 25.02 16.65 1.43
N ARG A 244 24.57 15.42 1.42
CA ARG A 244 25.44 14.30 1.06
C ARG A 244 25.24 13.80 -0.38
N VAL A 245 24.02 13.85 -0.89
CA VAL A 245 23.74 13.59 -2.30
C VAL A 245 23.85 14.89 -3.06
N THR B 21 -24.52 -9.66 -9.01
CA THR B 21 -24.28 -8.82 -7.78
C THR B 21 -23.11 -7.85 -7.93
N ARG B 22 -23.33 -6.63 -7.43
CA ARG B 22 -22.30 -5.61 -7.35
C ARG B 22 -22.22 -5.07 -5.94
N ARG B 23 -21.05 -5.19 -5.32
CA ARG B 23 -20.81 -4.74 -3.93
C ARG B 23 -19.96 -3.50 -3.95
N LEU B 24 -20.49 -2.43 -3.36
CA LEU B 24 -19.82 -1.18 -3.30
C LEU B 24 -19.57 -0.83 -1.85
N ILE B 25 -18.45 -0.17 -1.58
CA ILE B 25 -18.19 0.38 -0.24
C ILE B 25 -17.94 1.87 -0.36
N LEU B 26 -18.62 2.65 0.46
CA LEU B 26 -18.46 4.09 0.54
C LEU B 26 -17.41 4.40 1.55
N VAL B 27 -16.37 5.11 1.11
CA VAL B 27 -15.25 5.51 1.97
C VAL B 27 -14.96 7.00 1.80
N GLY B 28 -14.21 7.57 2.72
CA GLY B 28 -13.90 9.01 2.73
C GLY B 28 -14.11 9.63 4.10
N ARG B 29 -13.74 10.92 4.23
CA ARG B 29 -13.88 11.63 5.49
C ARG B 29 -15.35 11.82 5.95
N THR B 30 -15.51 12.13 7.23
CA THR B 30 -16.81 12.49 7.75
C THR B 30 -17.26 13.78 7.08
N GLY B 31 -18.54 13.82 6.73
CA GLY B 31 -19.12 14.98 6.06
C GLY B 31 -18.79 15.11 4.59
N ALA B 32 -18.18 14.10 4.00
CA ALA B 32 -17.94 14.12 2.55
C ALA B 32 -19.23 13.96 1.76
N GLY B 33 -20.24 13.30 2.36
CA GLY B 33 -21.48 12.98 1.65
C GLY B 33 -21.68 11.49 1.38
N LYS B 34 -21.04 10.61 2.18
CA LYS B 34 -21.12 9.15 1.99
C LYS B 34 -22.53 8.66 2.13
N SER B 35 -23.16 9.00 3.26
CA SER B 35 -24.50 8.51 3.55
C SER B 35 -25.50 9.00 2.53
N ALA B 36 -25.39 10.27 2.13
CA ALA B 36 -26.31 10.83 1.12
C ALA B 36 -26.11 10.17 -0.23
N THR B 37 -24.85 9.87 -0.59
CA THR B 37 -24.54 9.23 -1.86
C THR B 37 -25.13 7.84 -1.89
N GLY B 38 -25.05 7.12 -0.77
CA GLY B 38 -25.65 5.80 -0.66
C GLY B 38 -27.14 5.85 -0.79
N ASN B 39 -27.77 6.85 -0.19
CA ASN B 39 -29.21 7.00 -0.30
C ASN B 39 -29.61 7.27 -1.76
N SER B 40 -28.85 8.12 -2.48
CA SER B 40 -29.08 8.36 -3.92
C SER B 40 -29.00 7.06 -4.72
N ILE B 41 -27.97 6.26 -4.48
CA ILE B 41 -27.79 4.99 -5.21
C ILE B 41 -28.90 3.95 -4.95
N LEU B 42 -29.35 3.88 -3.70
CA LEU B 42 -30.35 2.91 -3.32
C LEU B 42 -31.75 3.39 -3.60
N GLY B 43 -31.92 4.70 -3.79
CA GLY B 43 -33.25 5.29 -3.92
C GLY B 43 -34.05 5.18 -2.63
N GLN B 44 -33.36 5.29 -1.48
CA GLN B 44 -33.99 5.13 -0.16
C GLN B 44 -33.29 6.04 0.84
N ARG B 45 -34.01 6.52 1.86
CA ARG B 45 -33.35 7.15 3.02
C ARG B 45 -32.91 6.04 3.99
N ARG B 46 -31.81 5.39 3.65
CA ARG B 46 -31.31 4.21 4.35
C ARG B 46 -30.28 4.56 5.43
N PHE B 47 -29.36 5.47 5.07
CA PHE B 47 -28.18 5.78 5.85
C PHE B 47 -28.29 7.13 6.59
N THR B 57 -24.75 7.35 13.98
CA THR B 57 -24.40 6.02 13.46
C THR B 57 -22.94 5.69 13.76
N ARG B 58 -22.72 4.84 14.75
CA ARG B 58 -21.36 4.43 15.16
C ARG B 58 -20.82 3.24 14.36
N ALA B 59 -21.69 2.51 13.67
CA ALA B 59 -21.31 1.25 13.01
C ALA B 59 -21.47 1.32 11.48
N CYS B 60 -20.73 0.47 10.78
CA CYS B 60 -21.00 0.22 9.37
C CYS B 60 -22.39 -0.35 9.24
N THR B 61 -23.06 0.05 8.17
CA THR B 61 -24.38 -0.41 7.84
C THR B 61 -24.40 -0.79 6.37
N THR B 62 -25.46 -1.47 5.98
CA THR B 62 -25.58 -1.97 4.63
C THR B 62 -26.97 -1.78 4.12
N GLY B 63 -27.08 -1.57 2.82
CA GLY B 63 -28.40 -1.56 2.16
C GLY B 63 -28.26 -2.13 0.77
N SER B 64 -29.39 -2.42 0.15
CA SER B 64 -29.37 -2.91 -1.21
C SER B 64 -30.61 -2.59 -2.02
N ARG B 65 -30.46 -2.77 -3.33
CA ARG B 65 -31.50 -2.46 -4.32
C ARG B 65 -31.42 -3.49 -5.46
N ARG B 66 -32.57 -4.02 -5.86
CA ARG B 66 -32.66 -5.04 -6.89
C ARG B 66 -33.04 -4.37 -8.22
N TRP B 67 -32.09 -4.42 -9.15
CA TRP B 67 -32.17 -3.68 -10.39
C TRP B 67 -31.97 -4.65 -11.53
N ASP B 68 -32.99 -4.79 -12.37
CA ASP B 68 -33.00 -5.83 -13.42
C ASP B 68 -32.91 -7.20 -12.73
N LYS B 69 -31.82 -7.93 -12.95
CA LYS B 69 -31.54 -9.18 -12.22
C LYS B 69 -30.28 -9.04 -11.37
N CYS B 70 -29.86 -7.79 -11.12
CA CYS B 70 -28.65 -7.52 -10.34
C CYS B 70 -28.97 -6.98 -8.94
N HIS B 71 -28.25 -7.49 -7.94
CA HIS B 71 -28.40 -7.03 -6.57
C HIS B 71 -27.27 -6.10 -6.27
N VAL B 72 -27.57 -4.81 -6.19
CA VAL B 72 -26.55 -3.83 -5.82
C VAL B 72 -26.51 -3.62 -4.31
N GLU B 73 -25.37 -3.93 -3.69
CA GLU B 73 -25.22 -3.79 -2.25
C GLU B 73 -24.29 -2.65 -1.94
N VAL B 74 -24.70 -1.78 -0.99
CA VAL B 74 -23.89 -0.66 -0.58
C VAL B 74 -23.57 -0.75 0.91
N VAL B 75 -22.26 -0.71 1.25
CA VAL B 75 -21.81 -0.58 2.64
C VAL B 75 -21.40 0.88 2.95
N ASP B 76 -22.08 1.50 3.92
CA ASP B 76 -21.79 2.86 4.37
C ASP B 76 -20.93 2.77 5.62
N THR B 77 -19.99 3.73 5.78
CA THR B 77 -18.97 3.67 6.83
C THR B 77 -19.01 4.83 7.84
N PRO B 78 -18.70 4.53 9.13
CA PRO B 78 -18.65 5.54 10.16
C PRO B 78 -17.27 6.20 10.19
N ASP B 79 -16.90 6.83 11.30
CA ASP B 79 -15.63 7.58 11.41
C ASP B 79 -14.37 6.65 11.53
N ILE B 80 -14.13 5.82 10.50
CA ILE B 80 -13.00 4.87 10.51
C ILE B 80 -11.88 5.27 9.56
N PHE B 81 -11.98 6.48 8.99
CA PHE B 81 -10.98 7.01 8.08
C PHE B 81 -10.37 8.34 8.55
N SER B 82 -10.36 8.56 9.87
CA SER B 82 -9.62 9.69 10.45
C SER B 82 -8.33 9.20 11.04
N SER B 83 -7.44 10.13 11.35
CA SER B 83 -6.14 9.79 11.98
C SER B 83 -6.34 9.22 13.37
N GLN B 84 -7.53 9.40 13.95
CA GLN B 84 -7.85 8.94 15.28
C GLN B 84 -8.56 7.58 15.30
N VAL B 85 -8.55 6.85 14.18
CA VAL B 85 -9.21 5.54 14.12
C VAL B 85 -8.60 4.60 15.19
N SER B 86 -7.29 4.71 15.38
CA SER B 86 -6.56 3.94 16.40
C SER B 86 -7.18 4.07 17.80
N LYS B 87 -7.78 5.22 18.10
CA LYS B 87 -8.45 5.44 19.40
C LYS B 87 -9.96 5.18 19.33
N THR B 88 -10.57 5.47 18.18
CA THR B 88 -12.00 5.24 17.97
C THR B 88 -12.37 3.74 17.86
N ASP B 89 -11.54 2.97 17.16
CA ASP B 89 -11.81 1.55 16.87
C ASP B 89 -10.59 0.68 17.23
N PRO B 90 -10.21 0.64 18.51
N PRO B 90 -10.24 0.66 18.53
CA PRO B 90 -8.86 0.11 18.89
CA PRO B 90 -9.15 -0.18 18.99
C PRO B 90 -8.52 -1.36 18.53
C PRO B 90 -9.67 -1.59 19.01
N GLY B 91 -9.47 -2.28 18.74
N GLY B 91 -8.84 -2.52 18.58
CA GLY B 91 -9.28 -3.68 18.35
CA GLY B 91 -9.30 -3.86 18.31
C GLY B 91 -9.70 -4.00 16.91
C GLY B 91 -9.66 -4.06 16.84
N CYS B 92 -9.96 -2.95 16.13
CA CYS B 92 -10.39 -3.03 14.73
C CYS B 92 -11.73 -3.77 14.50
N GLU B 93 -12.60 -3.80 15.52
CA GLU B 93 -13.89 -4.49 15.42
C GLU B 93 -14.77 -3.86 14.35
N GLU B 94 -14.82 -2.53 14.32
CA GLU B 94 -15.65 -1.85 13.32
C GLU B 94 -15.04 -1.90 11.92
N ARG B 95 -13.74 -1.73 11.81
CA ARG B 95 -13.08 -1.99 10.53
C ARG B 95 -13.25 -3.46 10.07
N GLY B 96 -13.26 -4.39 11.01
CA GLY B 96 -13.59 -5.77 10.75
C GLY B 96 -15.03 -5.96 10.27
N HIS B 97 -15.95 -5.22 10.84
CA HIS B 97 -17.36 -5.31 10.47
C HIS B 97 -17.54 -4.87 9.02
N CYS B 98 -16.82 -3.83 8.61
CA CYS B 98 -16.82 -3.39 7.22
C CYS B 98 -16.44 -4.53 6.26
N TYR B 99 -15.40 -5.28 6.60
CA TYR B 99 -14.99 -6.45 5.79
C TYR B 99 -16.09 -7.52 5.73
N LEU B 100 -16.70 -7.83 6.88
CA LEU B 100 -17.68 -8.91 6.92
C LEU B 100 -18.88 -8.54 6.04
N LEU B 101 -19.32 -7.28 6.11
CA LEU B 101 -20.43 -6.80 5.27
C LEU B 101 -20.15 -6.77 3.78
N SER B 102 -18.89 -6.64 3.40
CA SER B 102 -18.51 -6.54 1.98
C SER B 102 -17.93 -7.83 1.43
N ALA B 103 -17.80 -8.85 2.28
CA ALA B 103 -17.14 -10.12 1.88
C ALA B 103 -17.95 -10.79 0.76
N PRO B 104 -17.29 -11.51 -0.16
CA PRO B 104 -15.84 -11.79 -0.30
C PRO B 104 -14.97 -10.66 -0.88
N GLY B 105 -15.54 -9.48 -1.11
CA GLY B 105 -14.77 -8.35 -1.57
C GLY B 105 -15.56 -7.42 -2.46
N PRO B 106 -15.21 -6.12 -2.44
CA PRO B 106 -15.92 -5.10 -3.20
C PRO B 106 -15.56 -5.10 -4.68
N HIS B 107 -16.56 -4.83 -5.52
CA HIS B 107 -16.32 -4.58 -6.95
C HIS B 107 -15.80 -3.19 -7.15
N ALA B 108 -16.15 -2.29 -6.22
CA ALA B 108 -15.58 -0.96 -6.22
C ALA B 108 -15.66 -0.31 -4.85
N LEU B 109 -14.66 0.52 -4.55
CA LEU B 109 -14.70 1.45 -3.45
C LEU B 109 -15.05 2.79 -4.04
N LEU B 110 -16.03 3.45 -3.43
CA LEU B 110 -16.44 4.78 -3.84
C LEU B 110 -15.82 5.77 -2.87
N LEU B 111 -14.84 6.54 -3.33
CA LEU B 111 -14.25 7.58 -2.50
C LEU B 111 -15.08 8.82 -2.69
N VAL B 112 -15.84 9.16 -1.67
CA VAL B 112 -16.76 10.28 -1.70
C VAL B 112 -15.99 11.48 -1.17
N THR B 113 -16.11 12.60 -1.88
CA THR B 113 -15.46 13.85 -1.48
C THR B 113 -16.33 15.02 -1.93
N GLN B 114 -16.16 16.17 -1.31
CA GLN B 114 -16.94 17.33 -1.68
C GLN B 114 -16.25 18.16 -2.76
N LEU B 115 -16.97 18.46 -3.84
CA LEU B 115 -16.42 19.29 -4.93
C LEU B 115 -15.97 20.65 -4.36
N GLY B 116 -14.76 21.06 -4.71
CA GLY B 116 -14.19 22.33 -4.21
C GLY B 116 -13.75 22.31 -2.75
N ARG B 117 -13.73 21.13 -2.13
CA ARG B 117 -13.36 21.01 -0.73
C ARG B 117 -12.55 19.74 -0.49
N PHE B 118 -11.53 19.52 -1.31
CA PHE B 118 -10.59 18.44 -1.11
C PHE B 118 -9.51 18.91 -0.14
N THR B 119 -9.61 18.48 1.11
CA THR B 119 -8.80 19.01 2.20
C THR B 119 -7.72 18.01 2.65
N ALA B 120 -6.90 18.44 3.61
CA ALA B 120 -5.98 17.54 4.30
C ALA B 120 -6.73 16.33 4.89
N GLN B 121 -7.93 16.56 5.38
CA GLN B 121 -8.74 15.50 5.97
C GLN B 121 -9.12 14.46 4.95
N ASP B 122 -9.41 14.88 3.73
CA ASP B 122 -9.66 13.95 2.61
C ASP B 122 -8.41 13.12 2.33
N GLN B 123 -7.27 13.80 2.29
CA GLN B 123 -5.99 13.12 2.08
C GLN B 123 -5.74 12.09 3.21
N GLN B 124 -6.08 12.46 4.44
CA GLN B 124 -5.99 11.55 5.58
C GLN B 124 -6.90 10.33 5.40
N ALA B 125 -8.10 10.55 4.86
CA ALA B 125 -9.04 9.44 4.63
C ALA B 125 -8.49 8.43 3.60
N VAL B 126 -7.89 8.97 2.54
CA VAL B 126 -7.30 8.15 1.49
C VAL B 126 -6.14 7.28 2.07
N ARG B 127 -5.33 7.84 2.95
CA ARG B 127 -4.26 7.08 3.59
C ARG B 127 -4.79 5.98 4.50
N GLN B 128 -5.92 6.23 5.16
CA GLN B 128 -6.50 5.23 6.02
C GLN B 128 -7.08 4.07 5.20
N VAL B 129 -7.66 4.41 4.04
CA VAL B 129 -8.17 3.41 3.12
C VAL B 129 -7.04 2.49 2.61
N ARG B 130 -5.93 3.09 2.20
CA ARG B 130 -4.72 2.36 1.84
C ARG B 130 -4.18 1.46 2.96
N ASP B 131 -4.19 1.99 4.17
CA ASP B 131 -3.72 1.26 5.36
C ASP B 131 -4.64 0.07 5.60
N MET B 132 -5.93 0.31 5.47
CA MET B 132 -6.95 -0.68 5.84
C MET B 132 -7.10 -1.81 4.82
N PHE B 133 -7.02 -1.49 3.53
CA PHE B 133 -7.22 -2.46 2.42
C PHE B 133 -5.96 -2.84 1.65
N GLY B 134 -4.98 -1.94 1.54
CA GLY B 134 -3.79 -2.17 0.75
C GLY B 134 -3.65 -1.12 -0.34
N GLU B 135 -2.44 -0.89 -0.84
CA GLU B 135 -2.20 0.10 -1.91
C GLU B 135 -2.95 -0.23 -3.21
N ASP B 136 -3.09 -1.53 -3.51
CA ASP B 136 -3.75 -1.98 -4.74
C ASP B 136 -5.22 -1.55 -4.83
N VAL B 137 -5.81 -1.14 -3.71
CA VAL B 137 -7.24 -0.89 -3.69
C VAL B 137 -7.65 0.35 -4.52
N LEU B 138 -6.70 1.24 -4.83
CA LEU B 138 -6.98 2.35 -5.75
C LEU B 138 -7.29 1.89 -7.19
N LYS B 139 -6.82 0.69 -7.56
CA LYS B 139 -7.21 0.08 -8.83
C LYS B 139 -8.68 -0.36 -8.86
N TRP B 140 -9.34 -0.37 -7.70
CA TRP B 140 -10.76 -0.64 -7.65
C TRP B 140 -11.52 0.58 -7.17
N MET B 141 -10.89 1.76 -7.23
CA MET B 141 -11.50 2.95 -6.66
C MET B 141 -12.08 3.90 -7.73
N VAL B 142 -13.33 4.33 -7.48
CA VAL B 142 -13.99 5.40 -8.22
C VAL B 142 -14.17 6.61 -7.28
N ILE B 143 -13.84 7.81 -7.77
CA ILE B 143 -14.02 9.04 -7.01
C ILE B 143 -15.40 9.63 -7.31
N VAL B 144 -16.21 9.80 -6.26
CA VAL B 144 -17.50 10.47 -6.38
C VAL B 144 -17.35 11.86 -5.78
N PHE B 145 -17.80 12.86 -6.51
CA PHE B 145 -17.78 14.21 -6.04
C PHE B 145 -19.20 14.62 -5.74
N THR B 146 -19.45 14.96 -4.48
CA THR B 146 -20.73 15.50 -4.09
C THR B 146 -20.78 17.00 -4.36
N ARG B 147 -21.98 17.57 -4.28
CA ARG B 147 -22.21 18.98 -4.61
C ARG B 147 -21.85 19.26 -6.11
N LYS B 148 -22.36 18.41 -7.02
CA LYS B 148 -22.16 18.55 -8.49
C LYS B 148 -22.53 19.94 -9.00
N GLU B 149 -23.55 20.52 -8.39
CA GLU B 149 -23.95 21.92 -8.69
C GLU B 149 -22.78 22.97 -8.80
N ASP B 150 -21.63 22.69 -8.19
CA ASP B 150 -20.49 23.63 -8.13
C ASP B 150 -19.56 23.39 -9.31
N LEU B 156 -17.04 17.25 -15.52
CA LEU B 156 -16.14 16.88 -14.41
C LEU B 156 -14.70 16.62 -14.89
N HIS B 157 -14.57 16.05 -16.09
CA HIS B 157 -13.27 15.85 -16.74
C HIS B 157 -12.53 17.16 -16.93
N ASP B 158 -13.26 18.21 -17.33
CA ASP B 158 -12.67 19.56 -17.44
C ASP B 158 -12.22 20.08 -16.04
N TYR B 159 -13.11 20.02 -15.07
CA TYR B 159 -12.79 20.47 -13.69
C TYR B 159 -11.55 19.77 -13.11
N VAL B 160 -11.54 18.45 -13.22
CA VAL B 160 -10.42 17.64 -12.75
C VAL B 160 -9.14 18.05 -13.48
N SER B 161 -9.26 18.31 -14.78
CA SER B 161 -8.11 18.67 -15.62
C SER B 161 -7.46 20.01 -15.23
N ASN B 162 -8.26 20.98 -14.77
CA ASN B 162 -7.75 22.35 -14.54
C ASN B 162 -7.48 22.74 -13.07
N THR B 163 -7.76 21.84 -12.12
CA THR B 163 -7.51 22.17 -10.69
C THR B 163 -6.03 22.40 -10.39
N GLU B 164 -5.75 23.35 -9.49
CA GLU B 164 -4.40 23.61 -9.02
C GLU B 164 -4.07 22.78 -7.77
N ASN B 165 -5.03 21.95 -7.32
CA ASN B 165 -4.82 21.06 -6.18
C ASN B 165 -4.01 19.82 -6.57
N ARG B 166 -2.68 19.91 -6.43
CA ARG B 166 -1.76 18.85 -6.86
C ARG B 166 -2.14 17.49 -6.28
N ALA B 167 -2.48 17.46 -4.99
CA ALA B 167 -2.87 16.22 -4.31
C ALA B 167 -4.12 15.56 -4.89
N LEU B 168 -5.09 16.38 -5.29
CA LEU B 168 -6.31 15.86 -5.96
C LEU B 168 -5.93 15.31 -7.34
N ARG B 169 -5.18 16.10 -8.10
CA ARG B 169 -4.64 15.67 -9.40
C ARG B 169 -4.02 14.29 -9.32
N GLU B 170 -3.07 14.11 -8.40
CA GLU B 170 -2.39 12.82 -8.19
C GLU B 170 -3.39 11.70 -7.89
N LEU B 171 -4.36 11.95 -6.98
CA LEU B 171 -5.35 10.92 -6.63
C LEU B 171 -6.20 10.50 -7.84
N VAL B 172 -6.70 11.47 -8.59
CA VAL B 172 -7.53 11.19 -9.78
C VAL B 172 -6.78 10.29 -10.78
N ALA B 173 -5.53 10.67 -11.09
CA ALA B 173 -4.62 9.85 -11.91
C ALA B 173 -4.37 8.46 -11.32
N GLU B 174 -4.15 8.35 -10.02
CA GLU B 174 -3.99 7.05 -9.38
C GLU B 174 -5.27 6.18 -9.48
N CYS B 175 -6.43 6.82 -9.63
CA CYS B 175 -7.71 6.12 -9.79
C CYS B 175 -8.11 6.02 -11.27
N GLY B 176 -7.14 6.17 -12.16
CA GLY B 176 -7.34 6.00 -13.61
C GLY B 176 -8.29 6.99 -14.27
N GLY B 177 -8.47 8.15 -13.66
CA GLY B 177 -9.41 9.15 -14.15
C GLY B 177 -10.88 8.80 -13.94
N ARG B 178 -11.17 7.83 -13.07
CA ARG B 178 -12.55 7.39 -12.85
C ARG B 178 -13.25 8.32 -11.84
N VAL B 179 -13.99 9.28 -12.39
CA VAL B 179 -14.58 10.34 -11.61
C VAL B 179 -16.01 10.52 -12.01
N CYS B 180 -16.82 10.92 -11.07
CA CYS B 180 -18.24 10.99 -11.23
C CYS B 180 -18.79 12.03 -10.27
N ALA B 181 -19.80 12.76 -10.70
CA ALA B 181 -20.39 13.83 -9.88
C ALA B 181 -21.81 13.45 -9.44
N PHE B 182 -22.14 13.77 -8.20
CA PHE B 182 -23.48 13.56 -7.66
C PHE B 182 -23.99 14.86 -7.09
N ASP B 183 -25.24 15.17 -7.38
CA ASP B 183 -26.03 16.14 -6.64
C ASP B 183 -27.03 15.32 -5.84
N ASN B 184 -26.76 15.14 -4.55
CA ASN B 184 -27.58 14.24 -3.72
C ASN B 184 -28.94 14.78 -3.37
N ARG B 185 -29.25 16.00 -3.82
CA ARG B 185 -30.60 16.56 -3.73
C ARG B 185 -31.42 16.24 -5.00
N ALA B 186 -30.75 15.70 -6.02
CA ALA B 186 -31.41 15.41 -7.29
C ALA B 186 -32.51 14.35 -7.11
N THR B 187 -33.65 14.61 -7.75
CA THR B 187 -34.77 13.65 -7.87
C THR B 187 -35.04 13.40 -9.35
N GLY B 188 -36.03 12.55 -9.64
CA GLY B 188 -36.49 12.35 -11.02
C GLY B 188 -35.43 11.79 -11.96
N ARG B 189 -35.42 12.30 -13.18
CA ARG B 189 -34.52 11.81 -14.23
C ARG B 189 -33.06 12.19 -14.00
N GLU B 190 -32.81 13.33 -13.34
CA GLU B 190 -31.44 13.72 -12.97
C GLU B 190 -30.82 12.73 -11.98
N GLN B 191 -31.64 12.21 -11.06
CA GLN B 191 -31.14 11.21 -10.11
C GLN B 191 -30.86 9.88 -10.79
N GLU B 192 -31.77 9.43 -11.65
CA GLU B 192 -31.57 8.18 -12.38
C GLU B 192 -30.30 8.22 -13.23
N ALA B 193 -30.06 9.37 -13.87
CA ALA B 193 -28.88 9.57 -14.71
C ALA B 193 -27.58 9.47 -13.92
N GLN B 194 -27.52 10.09 -12.75
CA GLN B 194 -26.30 10.02 -11.95
C GLN B 194 -26.00 8.61 -11.59
N VAL B 195 -27.02 7.91 -11.09
CA VAL B 195 -26.88 6.53 -10.66
C VAL B 195 -26.45 5.67 -11.85
N VAL B 196 -27.11 5.84 -13.00
CA VAL B 196 -26.76 5.09 -14.22
CA VAL B 196 -26.76 5.07 -14.20
C VAL B 196 -25.30 5.29 -14.60
N GLN B 197 -24.85 6.56 -14.58
CA GLN B 197 -23.45 6.90 -14.89
C GLN B 197 -22.49 6.19 -13.91
N LEU B 198 -22.80 6.21 -12.61
CA LEU B 198 -21.91 5.58 -11.60
C LEU B 198 -21.85 4.05 -11.80
N LEU B 199 -23.01 3.43 -12.01
CA LEU B 199 -23.03 1.98 -12.23
C LEU B 199 -22.29 1.58 -13.52
N GLY B 200 -22.42 2.39 -14.56
CA GLY B 200 -21.66 2.15 -15.80
C GLY B 200 -20.14 2.11 -15.56
N MET B 201 -19.65 3.05 -14.76
CA MET B 201 -18.21 3.08 -14.42
C MET B 201 -17.79 1.86 -13.61
N VAL B 202 -18.63 1.45 -12.66
CA VAL B 202 -18.34 0.23 -11.88
C VAL B 202 -18.29 -1.01 -12.80
N GLU B 203 -19.21 -1.13 -13.76
CA GLU B 203 -19.16 -2.24 -14.72
C GLU B 203 -17.87 -2.19 -15.52
N GLY B 204 -17.52 -0.99 -15.99
CA GLY B 204 -16.27 -0.77 -16.73
C GLY B 204 -15.07 -1.27 -15.95
N LEU B 205 -15.05 -0.94 -14.67
CA LEU B 205 -13.96 -1.33 -13.79
C LEU B 205 -13.93 -2.86 -13.63
N VAL B 206 -15.11 -3.44 -13.40
CA VAL B 206 -15.24 -4.89 -13.23
C VAL B 206 -14.78 -5.65 -14.47
N LEU B 207 -15.10 -5.14 -15.67
CA LEU B 207 -14.61 -5.75 -16.92
C LEU B 207 -13.08 -5.63 -17.04
N GLU B 208 -12.53 -4.47 -16.66
CA GLU B 208 -11.07 -4.26 -16.60
C GLU B 208 -10.37 -5.32 -15.75
N HIS B 209 -11.00 -5.69 -14.63
CA HIS B 209 -10.46 -6.76 -13.78
C HIS B 209 -10.99 -8.14 -14.14
N LYS B 210 -11.48 -8.30 -15.36
CA LYS B 210 -11.97 -9.59 -15.87
C LYS B 210 -13.02 -10.22 -14.94
N GLY B 211 -13.88 -9.39 -14.38
CA GLY B 211 -14.90 -9.84 -13.42
C GLY B 211 -14.46 -10.00 -11.95
N ALA B 212 -13.17 -9.83 -11.64
CA ALA B 212 -12.69 -10.02 -10.24
C ALA B 212 -13.07 -8.85 -9.30
N HIS B 213 -13.48 -9.20 -8.09
CA HIS B 213 -13.64 -8.23 -7.02
C HIS B 213 -12.32 -8.07 -6.32
N TYR B 214 -12.14 -6.98 -5.59
CA TYR B 214 -10.93 -6.79 -4.80
C TYR B 214 -10.91 -7.81 -3.66
N SER B 215 -9.74 -8.34 -3.37
CA SER B 215 -9.58 -9.24 -2.25
C SER B 215 -8.20 -8.98 -1.61
N ASN B 216 -8.03 -9.45 -0.38
CA ASN B 216 -6.74 -9.49 0.25
C ASN B 216 -6.78 -10.57 1.34
N GLU B 217 -5.77 -10.61 2.18
CA GLU B 217 -5.66 -11.69 3.18
C GLU B 217 -6.76 -11.63 4.25
N VAL B 218 -7.36 -10.46 4.47
CA VAL B 218 -8.44 -10.36 5.46
C VAL B 218 -9.73 -10.96 4.89
N TYR B 219 -10.10 -10.56 3.67
CA TYR B 219 -11.26 -11.17 2.96
C TYR B 219 -11.14 -12.69 2.79
N GLU B 220 -9.94 -13.18 2.56
CA GLU B 220 -9.73 -14.65 2.49
C GLU B 220 -10.01 -15.36 3.84
N LEU B 221 -9.54 -14.78 4.94
CA LEU B 221 -9.86 -15.31 6.26
C LEU B 221 -11.38 -15.31 6.50
N ALA B 222 -12.07 -14.24 6.09
CA ALA B 222 -13.52 -14.13 6.28
C ALA B 222 -14.27 -15.26 5.56
N GLN B 223 -13.81 -15.56 4.34
CA GLN B 223 -14.35 -16.63 3.52
C GLN B 223 -14.05 -18.00 4.14
N VAL B 224 -12.78 -18.23 4.50
CA VAL B 224 -12.38 -19.45 5.20
C VAL B 224 -13.27 -19.71 6.40
N LEU B 225 -13.47 -18.67 7.21
CA LEU B 225 -14.26 -18.76 8.43
C LEU B 225 -15.75 -18.55 8.21
N ARG B 226 -16.25 -18.76 6.99
CA ARG B 226 -17.66 -18.46 6.72
C ARG B 226 -18.63 -19.43 7.35
N TRP B 227 -18.15 -20.61 7.72
CA TRP B 227 -19.00 -21.62 8.37
C TRP B 227 -19.01 -21.46 9.87
N ALA B 228 -18.05 -20.70 10.40
CA ALA B 228 -17.98 -20.49 11.86
C ALA B 228 -19.06 -19.49 12.25
N GLY B 229 -19.31 -19.36 13.54
CA GLY B 229 -20.31 -18.43 14.05
C GLY B 229 -19.88 -16.98 13.88
N PRO B 230 -20.83 -16.05 13.91
CA PRO B 230 -20.48 -14.63 13.61
C PRO B 230 -19.52 -14.00 14.63
N GLU B 231 -19.55 -14.45 15.88
CA GLU B 231 -18.70 -13.88 16.94
C GLU B 231 -17.22 -14.23 16.73
N GLU B 232 -16.94 -15.51 16.49
CA GLU B 232 -15.57 -15.90 16.20
C GLU B 232 -15.06 -15.36 14.85
N ARG B 233 -15.94 -15.30 13.86
CA ARG B 233 -15.57 -14.75 12.56
CA ARG B 233 -15.59 -14.75 12.56
C ARG B 233 -15.14 -13.29 12.74
N LEU B 234 -15.95 -12.50 13.45
CA LEU B 234 -15.64 -11.08 13.68
C LEU B 234 -14.34 -10.90 14.44
N ARG B 235 -14.19 -11.65 15.53
CA ARG B 235 -13.03 -11.58 16.37
C ARG B 235 -11.74 -11.89 15.61
N ARG B 236 -11.79 -12.94 14.79
CA ARG B 236 -10.61 -13.37 14.07
C ARG B 236 -10.30 -12.47 12.87
N VAL B 237 -11.34 -11.94 12.22
CA VAL B 237 -11.17 -10.94 11.13
C VAL B 237 -10.62 -9.60 11.68
N ALA B 238 -11.22 -9.09 12.76
CA ALA B 238 -10.68 -7.91 13.49
C ALA B 238 -9.19 -8.11 13.84
N GLU B 239 -8.86 -9.30 14.35
CA GLU B 239 -7.45 -9.64 14.62
C GLU B 239 -6.57 -9.49 13.37
N ARG B 240 -7.01 -10.01 12.23
CA ARG B 240 -6.19 -9.87 11.00
C ARG B 240 -6.07 -8.40 10.56
N VAL B 241 -7.13 -7.62 10.67
CA VAL B 241 -7.04 -6.19 10.36
C VAL B 241 -6.00 -5.51 11.30
N ALA B 242 -6.08 -5.80 12.60
CA ALA B 242 -5.13 -5.24 13.59
C ALA B 242 -3.65 -5.60 13.28
N ALA B 243 -3.42 -6.79 12.72
CA ALA B 243 -2.07 -7.23 12.39
C ALA B 243 -1.48 -6.45 11.18
N ARG B 244 -2.33 -5.83 10.38
CA ARG B 244 -1.83 -5.16 9.18
C ARG B 244 -1.78 -3.63 9.31
N VAL B 245 -2.70 -3.04 10.06
CA VAL B 245 -2.60 -1.65 10.41
C VAL B 245 -1.79 -1.64 11.69
PB GDP C . 7.89 -2.22 -7.79
O1B GDP C . 7.64 -1.00 -8.66
O2B GDP C . 9.37 -2.58 -7.69
O3B GDP C . 7.17 -2.12 -6.43
O3A GDP C . 7.33 -3.50 -8.58
PA GDP C . 5.95 -4.28 -8.28
O1A GDP C . 4.81 -3.38 -8.48
O2A GDP C . 6.01 -5.00 -6.97
O5' GDP C . 6.01 -5.38 -9.45
C5' GDP C . 5.94 -5.01 -10.84
C4' GDP C . 5.24 -6.12 -11.62
O4' GDP C . 6.02 -7.35 -11.50
C3' GDP C . 3.84 -6.41 -11.08
O3' GDP C . 2.87 -6.56 -12.13
C2' GDP C . 4.04 -7.72 -10.34
O2' GDP C . 2.87 -8.49 -10.33
C1' GDP C . 5.16 -8.41 -11.10
N9 GDP C . 5.95 -9.37 -10.25
C8 GDP C . 6.68 -9.10 -9.16
N7 GDP C . 7.25 -10.22 -8.69
C5 GDP C . 6.87 -11.23 -9.48
C6 GDP C . 7.14 -12.66 -9.52
O6 GDP C . 7.89 -13.19 -8.67
N1 GDP C . 6.59 -13.36 -10.51
C2 GDP C . 5.78 -12.80 -11.46
N2 GDP C . 5.25 -13.57 -12.42
N3 GDP C . 5.51 -11.47 -11.47
C4 GDP C . 6.03 -10.67 -10.51
MG MG D . 6.11 -0.57 -5.81
PB GDP E . -21.09 11.58 5.57
O1B GDP E . -20.75 11.88 7.00
O2B GDP E . -19.89 11.50 4.64
O3B GDP E . -22.06 10.42 5.45
O3A GDP E . -21.89 12.86 5.02
PA GDP E . -23.51 12.95 4.82
O1A GDP E . -24.10 13.00 6.17
O2A GDP E . -24.00 12.03 3.75
O5' GDP E . -23.62 14.42 4.18
C5' GDP E . -23.31 15.57 4.98
C4' GDP E . -24.18 16.75 4.59
O4' GDP E . -23.85 17.19 3.26
C3' GDP E . -25.66 16.38 4.59
O3' GDP E . -26.37 17.42 5.19
C2' GDP E . -26.03 16.24 3.13
O2' GDP E . -27.39 16.59 2.86
C1' GDP E . -25.04 17.18 2.45
N9 GDP E . -24.75 16.70 1.08
C8 GDP E . -24.22 15.51 0.73
N7 GDP E . -24.12 15.42 -0.63
C5 GDP E . -24.58 16.57 -1.14
C6 GDP E . -24.77 17.15 -2.49
O6 GDP E . -24.43 16.51 -3.52
N1 GDP E . -25.30 18.36 -2.60
C2 GDP E . -25.67 19.08 -1.51
N2 GDP E . -26.17 20.31 -1.69
N3 GDP E . -25.53 18.62 -0.25
C4 GDP E . -25.00 17.39 -0.02
MG MG F . -22.41 9.19 7.16
#